data_2LBK
#
_entry.id   2LBK
#
_entity_poly.entity_id   1
_entity_poly.type   'polyribonucleotide'
_entity_poly.pdbx_seq_one_letter_code
;GGGACCUUCCCGGUCUC
;
_entity_poly.pdbx_strand_id   A
#